data_3STO
#
_entry.id   3STO
#
_cell.length_a   64.913
_cell.length_b   64.913
_cell.length_c   187.004
_cell.angle_alpha   90.0
_cell.angle_beta   90.0
_cell.angle_gamma   120.0
#
_symmetry.space_group_name_H-M   'P 32 2 1'
#
loop_
_entity.id
_entity.type
_entity.pdbx_description
1 polymer 'Serine protease inhibitor'
2 water water
#
_entity_poly.entity_id   1
_entity_poly.type   'polypeptide(L)'
_entity_poly.pdbx_seq_one_letter_code
;(MSE)GILFTPENDDPYANISSHKAFTHAYLSTVTADFGGDNFLTCPLGILFTLGILLGSGGAQGRTGYQIGKT(MSE)R
LKSTSSSWNSSEAQQE(MSE)KSLYQELNNSLTSEKTFLNEKEENVVRISTGIFVEKTYEVERRFNESIANDSEGELKQV
DFSNRTSATVDINDWVDQQSNGLLEKFFTDDIPDDTA(MSE)ILVNVFYFRDFWQSPFEPHYTRKEDFYISPDRQITVD
(MSE)(MSE)TQEGV(MSE)KYGKFEDEGFEIVSKPLNNTRFTFVIVLPLEKWSLNGATELLNGNKVLSEYVKNLKETTV
SLRLPKFTLKNTLDLVPTLKSIGVVDLFDPVKSDLSGITPNPNLYVNEFIQTNVLKLNESGIEATTVTSPIFVPFSAIIP
EVDFHVTHPFICFIYDQQLT(MSE)PI(MSE)AAKV(MSE)NPVLQS
;
_entity_poly.pdbx_strand_id   A
#
# COMPACT_ATOMS: atom_id res chain seq x y z
N ILE A 16 -10.29 12.49 -14.33
CA ILE A 16 -9.82 11.70 -13.20
C ILE A 16 -8.65 12.35 -12.47
N SER A 17 -8.63 12.24 -11.15
CA SER A 17 -7.56 12.82 -10.36
C SER A 17 -6.28 12.06 -10.63
N SER A 18 -5.18 12.80 -10.55
CA SER A 18 -3.88 12.30 -10.97
C SER A 18 -3.48 11.05 -10.18
N HIS A 19 -3.67 11.13 -8.87
CA HIS A 19 -3.22 10.10 -7.98
C HIS A 19 -4.08 8.84 -8.17
N LYS A 20 -5.30 9.00 -8.68
CA LYS A 20 -6.14 7.84 -8.97
C LYS A 20 -5.77 7.22 -10.31
N ALA A 21 -5.36 8.07 -11.25
CA ALA A 21 -4.83 7.63 -12.55
C ALA A 21 -3.55 6.82 -12.36
N PHE A 22 -2.63 7.37 -11.58
CA PHE A 22 -1.42 6.64 -11.22
C PHE A 22 -1.82 5.29 -10.61
N THR A 23 -2.64 5.36 -9.57
CA THR A 23 -3.04 4.18 -8.83
C THR A 23 -3.55 3.05 -9.73
N HIS A 24 -4.39 3.39 -10.69
CA HIS A 24 -4.90 2.41 -11.65
C HIS A 24 -3.80 1.81 -12.53
N ALA A 25 -2.91 2.65 -13.05
CA ALA A 25 -1.84 2.21 -13.92
C ALA A 25 -0.93 1.29 -13.14
N TYR A 26 -0.64 1.70 -11.93
CA TYR A 26 0.23 0.90 -11.10
C TYR A 26 -0.41 -0.48 -10.77
N LEU A 27 -1.71 -0.51 -10.51
CA LEU A 27 -2.34 -1.76 -10.07
C LEU A 27 -2.58 -2.73 -11.23
N SER A 28 -2.96 -2.25 -12.41
CA SER A 28 -3.12 -3.16 -13.56
C SER A 28 -1.84 -3.81 -14.00
N THR A 29 -0.70 -3.28 -13.59
CA THR A 29 0.53 -3.87 -14.05
C THR A 29 1.09 -4.79 -13.01
N VAL A 30 1.17 -4.29 -11.79
CA VAL A 30 1.84 -5.00 -10.73
C VAL A 30 1.07 -6.28 -10.34
N THR A 31 -0.24 -6.33 -10.54
CA THR A 31 -0.95 -7.52 -10.05
C THR A 31 -0.89 -8.67 -11.03
N ALA A 32 -0.55 -8.35 -12.28
CA ALA A 32 -0.54 -9.33 -13.39
C ALA A 32 0.21 -10.66 -13.08
N ASP A 33 1.37 -10.56 -12.42
CA ASP A 33 2.24 -11.71 -12.20
C ASP A 33 2.06 -12.43 -10.86
N PHE A 34 1.00 -12.12 -10.12
CA PHE A 34 0.83 -12.73 -8.79
C PHE A 34 -0.41 -13.62 -8.72
N GLY A 35 -0.85 -14.07 -9.90
CA GLY A 35 -1.97 -14.98 -10.04
C GLY A 35 -1.83 -16.17 -9.11
N GLY A 36 -0.61 -16.51 -8.69
CA GLY A 36 -0.44 -17.67 -7.83
C GLY A 36 0.09 -17.38 -6.43
N ASP A 37 0.16 -16.12 -6.02
CA ASP A 37 0.66 -15.84 -4.69
C ASP A 37 -0.32 -15.02 -3.84
N ASN A 38 -0.06 -14.94 -2.53
CA ASN A 38 -0.57 -13.81 -1.77
C ASN A 38 -0.02 -12.50 -2.38
N PHE A 39 -0.83 -11.46 -2.38
CA PHE A 39 -0.38 -10.18 -2.86
C PHE A 39 -0.78 -9.08 -1.87
N LEU A 40 0.09 -8.10 -1.68
CA LEU A 40 -0.17 -7.00 -0.75
C LEU A 40 0.55 -5.75 -1.25
N THR A 41 -0.16 -4.64 -1.41
CA THR A 41 0.46 -3.39 -1.77
C THR A 41 -0.26 -2.12 -1.29
N CYS A 42 0.54 -1.06 -1.10
CA CYS A 42 0.03 0.29 -0.82
C CYS A 42 0.43 1.36 -1.87
N PRO A 43 -0.47 1.64 -2.80
CA PRO A 43 -0.15 2.46 -3.99
C PRO A 43 0.25 3.91 -3.70
N LEU A 44 -0.21 4.48 -2.58
CA LEU A 44 0.11 5.89 -2.29
C LEU A 44 1.54 6.06 -1.77
N GLY A 45 2.06 5.01 -1.16
CA GLY A 45 3.43 5.02 -0.74
C GLY A 45 4.38 5.03 -1.91
N ILE A 46 4.00 4.40 -3.02
CA ILE A 46 4.79 4.44 -4.25
C ILE A 46 4.75 5.85 -4.78
N LEU A 47 3.56 6.45 -4.77
CA LEU A 47 3.37 7.86 -5.18
C LEU A 47 4.19 8.87 -4.36
N PHE A 48 4.18 8.75 -3.04
CA PHE A 48 4.97 9.65 -2.19
C PHE A 48 6.48 9.48 -2.40
N THR A 49 6.94 8.23 -2.56
CA THR A 49 8.37 7.96 -2.71
C THR A 49 8.90 8.46 -4.05
N LEU A 50 8.23 8.06 -5.12
CA LEU A 50 8.43 8.64 -6.44
C LEU A 50 8.29 10.15 -6.45
N GLY A 51 7.18 10.62 -5.88
CA GLY A 51 6.91 12.04 -5.87
C GLY A 51 7.97 12.84 -5.17
N ILE A 52 8.55 12.29 -4.12
CA ILE A 52 9.50 13.08 -3.36
C ILE A 52 10.70 13.54 -4.24
N LEU A 53 11.18 12.66 -5.13
CA LEU A 53 12.31 12.96 -6.01
C LEU A 53 12.03 14.13 -6.96
N LEU A 54 10.82 14.18 -7.48
CA LEU A 54 10.39 15.31 -8.29
C LEU A 54 9.98 16.54 -7.45
N GLY A 55 9.33 16.32 -6.31
CA GLY A 55 8.84 17.42 -5.50
C GLY A 55 9.99 18.15 -4.85
N SER A 56 11.09 17.45 -4.62
CA SER A 56 12.22 18.03 -3.90
C SER A 56 13.21 18.76 -4.80
N GLY A 57 12.95 18.77 -6.10
CA GLY A 57 13.95 19.24 -7.07
C GLY A 57 15.05 18.23 -7.45
N GLY A 58 15.07 17.06 -6.82
CA GLY A 58 16.07 16.06 -7.10
C GLY A 58 16.14 15.59 -8.56
N ALA A 59 14.98 15.28 -9.14
CA ALA A 59 14.93 14.67 -10.46
C ALA A 59 14.74 15.74 -11.51
N GLN A 60 15.62 15.76 -12.51
CA GLN A 60 15.56 16.84 -13.48
C GLN A 60 15.46 16.32 -14.88
N GLY A 61 15.32 17.24 -15.83
CA GLY A 61 15.26 16.89 -17.23
C GLY A 61 14.20 15.83 -17.47
N ARG A 62 14.56 14.85 -18.29
CA ARG A 62 13.66 13.81 -18.74
C ARG A 62 13.33 12.82 -17.59
N THR A 63 14.25 12.68 -16.64
CA THR A 63 14.01 11.90 -15.43
C THR A 63 12.83 12.44 -14.60
N GLY A 64 12.82 13.74 -14.32
CA GLY A 64 11.69 14.32 -13.61
C GLY A 64 10.43 14.36 -14.46
N TYR A 65 10.60 14.50 -15.76
CA TYR A 65 9.48 14.61 -16.68
C TYR A 65 8.69 13.31 -16.73
N GLN A 66 9.42 12.20 -16.83
CA GLN A 66 8.79 10.87 -16.82
C GLN A 66 7.94 10.63 -15.57
N ILE A 67 8.52 10.95 -14.41
CA ILE A 67 7.82 10.93 -13.16
C ILE A 67 6.52 11.72 -13.22
N GLY A 68 6.58 12.96 -13.70
CA GLY A 68 5.39 13.77 -13.80
C GLY A 68 4.32 13.22 -14.73
N LYS A 69 4.72 12.66 -15.86
CA LYS A 69 3.77 12.05 -16.76
C LYS A 69 3.08 10.82 -16.11
N THR A 70 3.88 9.98 -15.49
CA THR A 70 3.37 8.77 -14.90
C THR A 70 2.43 9.16 -13.79
N MSE A 71 2.72 10.30 -13.20
CA MSE A 71 1.91 10.85 -12.11
C MSE A 71 0.71 11.56 -12.67
O MSE A 71 -0.19 11.97 -11.92
CB MSE A 71 2.72 11.84 -11.27
CG MSE A 71 2.32 11.85 -9.86
SE MSE A 71 2.58 10.05 -9.19
CE MSE A 71 4.53 10.13 -9.09
N ARG A 72 0.71 11.75 -13.98
CA ARG A 72 -0.44 12.33 -14.67
C ARG A 72 -0.68 13.80 -14.26
N LEU A 73 0.41 14.56 -14.03
CA LEU A 73 0.33 15.98 -13.63
C LEU A 73 -0.14 16.87 -14.78
N LYS A 74 -0.79 17.98 -14.45
CA LYS A 74 -1.18 18.97 -15.47
C LYS A 74 0.03 19.68 -16.06
N SER A 75 1.00 19.98 -15.22
CA SER A 75 2.13 20.76 -15.66
C SER A 75 2.99 20.01 -16.69
N THR A 76 2.79 18.70 -16.80
CA THR A 76 3.55 17.89 -17.74
C THR A 76 2.64 17.31 -18.82
N SER A 77 1.44 17.88 -18.95
CA SER A 77 0.42 17.35 -19.86
C SER A 77 0.90 17.35 -21.30
N SER A 78 1.50 18.47 -21.68
CA SER A 78 1.92 18.67 -23.06
C SER A 78 3.36 19.21 -23.20
N SER A 79 3.97 19.66 -22.10
CA SER A 79 5.41 19.96 -22.11
C SER A 79 6.06 19.84 -20.75
N TRP A 80 7.38 19.71 -20.75
CA TRP A 80 8.15 19.76 -19.53
C TRP A 80 8.33 21.17 -19.04
N ASN A 81 7.81 21.39 -17.84
CA ASN A 81 7.85 22.66 -17.16
C ASN A 81 8.38 22.42 -15.78
N SER A 82 9.70 22.54 -15.63
CA SER A 82 10.37 21.95 -14.50
C SER A 82 9.94 22.59 -13.18
N SER A 83 9.83 23.90 -13.14
CA SER A 83 9.45 24.53 -11.87
C SER A 83 7.99 24.26 -11.52
N GLU A 84 7.11 24.37 -12.51
CA GLU A 84 5.70 24.20 -12.26
C GLU A 84 5.42 22.75 -11.77
N ALA A 85 6.06 21.79 -12.45
CA ALA A 85 5.90 20.38 -12.17
C ALA A 85 6.33 20.07 -10.73
N GLN A 86 7.45 20.63 -10.32
CA GLN A 86 7.96 20.34 -9.00
C GLN A 86 6.98 20.87 -7.97
N GLN A 87 6.47 22.05 -8.23
CA GLN A 87 5.50 22.66 -7.33
C GLN A 87 4.22 21.83 -7.23
N GLU A 88 3.67 21.47 -8.38
CA GLU A 88 2.44 20.71 -8.45
C GLU A 88 2.57 19.34 -7.76
N MSE A 89 3.75 18.73 -7.90
CA MSE A 89 4.03 17.41 -7.34
C MSE A 89 4.19 17.52 -5.84
O MSE A 89 3.63 16.74 -5.11
CB MSE A 89 5.29 16.79 -7.97
CG MSE A 89 5.69 15.42 -7.44
SE MSE A 89 4.39 13.97 -7.85
CE MSE A 89 5.08 13.31 -9.53
N LYS A 90 4.96 18.49 -5.39
CA LYS A 90 5.13 18.74 -3.98
C LYS A 90 3.79 19.03 -3.30
N SER A 91 2.94 19.80 -3.97
CA SER A 91 1.67 20.17 -3.36
C SER A 91 0.72 18.97 -3.21
N LEU A 92 0.66 18.12 -4.24
CA LEU A 92 -0.14 16.90 -4.25
C LEU A 92 0.31 15.95 -3.13
N TYR A 93 1.58 15.63 -3.19
CA TYR A 93 2.28 14.85 -2.18
C TYR A 93 1.94 15.31 -0.74
N GLN A 94 1.94 16.62 -0.54
CA GLN A 94 1.75 17.17 0.79
C GLN A 94 0.29 17.12 1.19
N GLU A 95 -0.58 17.40 0.23
CA GLU A 95 -1.99 17.35 0.48
C GLU A 95 -2.36 15.93 0.95
N LEU A 96 -1.93 14.92 0.20
CA LEU A 96 -2.24 13.52 0.51
C LEU A 96 -1.60 13.10 1.83
N ASN A 97 -0.38 13.52 2.05
CA ASN A 97 0.28 13.21 3.31
C ASN A 97 -0.43 13.87 4.51
N ASN A 98 -0.78 15.15 4.37
CA ASN A 98 -1.54 15.84 5.41
C ASN A 98 -2.88 15.18 5.73
N SER A 99 -3.58 14.78 4.70
CA SER A 99 -4.88 14.16 4.83
C SER A 99 -4.75 12.87 5.61
N LEU A 100 -3.76 12.03 5.25
CA LEU A 100 -3.63 10.71 5.86
C LEU A 100 -3.06 10.73 7.28
N THR A 101 -2.02 11.55 7.49
CA THR A 101 -1.35 11.56 8.79
C THR A 101 -2.12 12.38 9.83
N SER A 102 -3.13 13.11 9.39
CA SER A 102 -3.98 13.82 10.33
C SER A 102 -4.92 12.86 11.11
N GLU A 103 -5.06 11.62 10.65
CA GLU A 103 -5.98 10.71 11.30
C GLU A 103 -5.38 10.06 12.56
N LYS A 104 -6.11 10.22 13.66
CA LYS A 104 -5.60 9.79 14.95
C LYS A 104 -6.34 8.60 15.55
N THR A 105 -5.62 7.90 16.41
CA THR A 105 -6.19 6.77 17.11
C THR A 105 -5.70 6.73 18.57
N PHE A 106 -6.60 6.38 19.48
CA PHE A 106 -6.22 6.22 20.88
C PHE A 106 -5.95 4.76 21.20
N LEU A 107 -4.70 4.49 21.61
CA LEU A 107 -4.24 3.14 21.98
C LEU A 107 -4.71 2.72 23.38
N GLU A 111 -2.40 7.70 21.73
CA GLU A 111 -2.80 8.70 20.74
C GLU A 111 -1.83 8.73 19.58
N GLU A 112 -2.05 7.84 18.63
CA GLU A 112 -1.11 7.67 17.55
C GLU A 112 -1.72 8.00 16.22
N ASN A 113 -0.85 8.04 15.21
CA ASN A 113 -1.28 8.14 13.84
C ASN A 113 -1.89 6.83 13.41
N VAL A 114 -3.05 6.88 12.79
CA VAL A 114 -3.58 5.69 12.16
C VAL A 114 -2.61 5.23 11.04
N VAL A 115 -2.16 6.18 10.22
CA VAL A 115 -1.35 5.86 9.07
C VAL A 115 0.06 6.42 9.25
N ARG A 116 1.07 5.59 9.06
CA ARG A 116 2.45 6.05 9.07
C ARG A 116 3.08 5.78 7.71
N ILE A 117 3.40 6.88 7.04
CA ILE A 117 4.05 6.84 5.75
C ILE A 117 5.54 7.07 5.93
N SER A 118 6.38 6.20 5.37
CA SER A 118 7.82 6.40 5.51
C SER A 118 8.58 6.09 4.23
N THR A 119 9.36 7.07 3.80
CA THR A 119 10.30 6.87 2.70
C THR A 119 11.75 7.07 3.15
N GLY A 120 12.57 6.05 2.98
CA GLY A 120 13.99 6.16 3.22
C GLY A 120 14.73 6.24 1.90
N ILE A 121 15.51 7.30 1.75
CA ILE A 121 16.38 7.48 0.60
C ILE A 121 17.78 7.07 1.06
N PHE A 122 18.31 5.98 0.54
CA PHE A 122 19.63 5.52 0.96
C PHE A 122 20.68 5.75 -0.14
N VAL A 123 21.58 6.69 0.10
CA VAL A 123 22.63 7.05 -0.87
C VAL A 123 24.04 6.74 -0.36
N GLU A 124 24.83 6.15 -1.25
CA GLU A 124 26.26 5.98 -1.04
C GLU A 124 26.93 7.28 -0.50
N LYS A 125 27.74 7.12 0.54
CA LYS A 125 28.37 8.25 1.24
C LYS A 125 29.34 9.06 0.36
N THR A 126 29.96 8.38 -0.60
CA THR A 126 30.84 9.00 -1.58
C THR A 126 30.21 10.18 -2.34
N TYR A 127 28.91 10.09 -2.62
CA TYR A 127 28.19 11.15 -3.33
C TYR A 127 27.98 12.42 -2.52
N GLU A 128 28.25 13.56 -3.15
CA GLU A 128 28.05 14.86 -2.55
C GLU A 128 26.59 15.26 -2.73
N VAL A 129 26.01 15.91 -1.72
CA VAL A 129 24.58 16.07 -1.68
C VAL A 129 24.20 17.54 -1.62
N GLU A 130 23.54 18.03 -2.67
CA GLU A 130 23.19 19.44 -2.74
C GLU A 130 22.52 19.84 -1.43
N ARG A 131 22.92 20.99 -0.90
CA ARG A 131 22.29 21.56 0.29
C ARG A 131 20.77 21.80 0.15
N ARG A 132 20.32 22.24 -1.03
CA ARG A 132 18.90 22.50 -1.22
C ARG A 132 18.07 21.22 -1.12
N PHE A 133 18.64 20.10 -1.57
CA PHE A 133 17.95 18.83 -1.53
C PHE A 133 17.88 18.35 -0.10
N ASN A 134 19.06 18.26 0.51
CA ASN A 134 19.20 17.86 1.90
C ASN A 134 18.23 18.60 2.81
N GLU A 135 18.04 19.89 2.55
CA GLU A 135 17.14 20.70 3.34
C GLU A 135 15.69 20.38 2.99
N SER A 136 15.36 20.27 1.71
CA SER A 136 14.01 19.85 1.28
C SER A 136 13.54 18.53 1.91
N ILE A 137 14.42 17.53 1.96
CA ILE A 137 14.10 16.23 2.59
C ILE A 137 14.00 16.32 4.13
N ALA A 138 14.82 17.18 4.72
CA ALA A 138 14.73 17.48 6.16
C ALA A 138 13.41 18.15 6.47
N ASN A 139 13.05 19.15 5.66
CA ASN A 139 11.78 19.86 5.82
C ASN A 139 10.58 19.01 5.41
N ASP A 140 10.85 17.77 4.99
CA ASP A 140 9.81 16.82 4.64
C ASP A 140 9.57 15.83 5.77
N SER A 141 8.31 15.75 6.19
CA SER A 141 7.92 14.98 7.37
C SER A 141 8.12 13.48 7.22
N GLU A 142 7.57 12.92 6.15
CA GLU A 142 7.64 11.48 5.96
C GLU A 142 8.90 11.01 5.23
N GLY A 143 9.76 11.93 4.78
CA GLY A 143 10.96 11.54 4.05
C GLY A 143 12.24 11.65 4.84
N GLU A 144 13.17 10.72 4.61
CA GLU A 144 14.44 10.75 5.32
C GLU A 144 15.60 10.33 4.42
N LEU A 145 16.64 11.16 4.41
CA LEU A 145 17.83 10.89 3.62
C LEU A 145 18.83 10.26 4.56
N LYS A 146 19.47 9.18 4.12
CA LYS A 146 20.46 8.52 4.94
C LYS A 146 21.64 8.13 4.07
N GLN A 147 22.80 8.63 4.41
CA GLN A 147 23.97 8.25 3.64
C GLN A 147 24.55 7.02 4.28
N VAL A 148 25.17 6.18 3.46
CA VAL A 148 25.39 4.79 3.81
C VAL A 148 26.56 4.28 2.99
N ASP A 149 27.30 3.32 3.54
CA ASP A 149 28.46 2.81 2.83
C ASP A 149 28.08 1.56 2.07
N PHE A 150 27.68 1.72 0.81
CA PHE A 150 27.28 0.55 0.00
C PHE A 150 28.46 -0.32 -0.45
N SER A 151 29.67 0.06 -0.04
CA SER A 151 30.87 -0.72 -0.39
C SER A 151 31.09 -1.82 0.64
N ASN A 152 30.70 -1.53 1.88
CA ASN A 152 30.67 -2.53 2.93
C ASN A 152 29.25 -3.10 3.10
N ARG A 153 28.95 -4.12 2.29
CA ARG A 153 27.65 -4.77 2.21
C ARG A 153 26.98 -5.13 3.55
N THR A 154 27.76 -5.57 4.53
CA THR A 154 27.15 -5.98 5.78
C THR A 154 26.65 -4.78 6.58
N SER A 155 27.47 -3.74 6.69
CA SER A 155 27.07 -2.56 7.46
C SER A 155 25.93 -1.79 6.79
N ALA A 156 25.94 -1.75 5.45
CA ALA A 156 24.88 -1.10 4.69
C ALA A 156 23.55 -1.82 4.91
N THR A 157 23.59 -3.13 4.78
CA THR A 157 22.45 -3.97 5.09
C THR A 157 21.89 -3.69 6.50
N VAL A 158 22.76 -3.67 7.51
CA VAL A 158 22.38 -3.35 8.89
C VAL A 158 21.62 -2.04 8.97
N ASP A 159 22.26 -0.94 8.58
CA ASP A 159 21.64 0.38 8.56
C ASP A 159 20.21 0.36 8.03
N ILE A 160 20.03 -0.21 6.85
CA ILE A 160 18.72 -0.25 6.24
C ILE A 160 17.73 -1.06 7.08
N ASN A 161 18.11 -2.29 7.43
CA ASN A 161 17.28 -3.17 8.26
C ASN A 161 16.87 -2.46 9.52
N ASP A 162 17.78 -1.69 10.09
CA ASP A 162 17.44 -0.92 11.29
C ASP A 162 16.41 0.15 11.04
N TRP A 163 16.55 0.85 9.92
CA TRP A 163 15.61 1.89 9.60
C TRP A 163 14.24 1.28 9.47
N VAL A 164 14.17 0.18 8.73
CA VAL A 164 12.91 -0.45 8.44
C VAL A 164 12.26 -0.92 9.74
N ASP A 165 13.01 -1.71 10.50
CA ASP A 165 12.62 -2.10 11.86
C ASP A 165 12.06 -0.92 12.68
N GLN A 166 12.68 0.25 12.61
CA GLN A 166 12.19 1.40 13.35
C GLN A 166 10.83 1.91 12.86
N GLN A 167 10.52 1.68 11.59
CA GLN A 167 9.28 2.22 11.03
C GLN A 167 8.11 1.27 11.18
N SER A 168 8.43 -0.02 11.23
CA SER A 168 7.42 -1.08 11.26
C SER A 168 6.99 -1.43 12.67
N ASN A 169 7.46 -0.65 13.65
CA ASN A 169 7.31 -1.00 15.06
C ASN A 169 7.73 -2.44 15.35
N GLY A 170 8.80 -2.90 14.70
CA GLY A 170 9.27 -4.27 14.89
C GLY A 170 8.75 -5.34 13.94
N LEU A 171 7.59 -5.12 13.32
CA LEU A 171 6.96 -6.14 12.48
C LEU A 171 7.69 -6.44 11.15
N LEU A 172 8.65 -5.59 10.80
CA LEU A 172 9.37 -5.61 9.51
C LEU A 172 8.47 -5.56 8.27
N PRO A 181 23.80 -5.79 -3.03
CA PRO A 181 24.82 -5.88 -4.09
C PRO A 181 26.04 -5.02 -3.81
N ASP A 182 26.92 -4.94 -4.78
CA ASP A 182 28.08 -4.06 -4.69
C ASP A 182 28.04 -3.13 -5.90
N ASP A 183 28.59 -1.94 -5.74
CA ASP A 183 28.49 -0.93 -6.79
C ASP A 183 27.07 -0.37 -6.77
N THR A 184 26.45 -0.38 -5.59
CA THR A 184 25.13 0.20 -5.43
C THR A 184 25.24 1.70 -5.12
N ALA A 185 24.58 2.51 -5.93
CA ALA A 185 24.55 3.96 -5.71
C ALA A 185 23.44 4.40 -4.76
N MSE A 186 22.22 3.93 -5.01
CA MSE A 186 21.06 4.44 -4.30
C MSE A 186 19.93 3.45 -4.22
O MSE A 186 19.58 2.78 -5.20
CB MSE A 186 20.56 5.73 -4.96
CG MSE A 186 19.31 6.30 -4.31
SE MSE A 186 18.83 8.11 -4.97
CE MSE A 186 19.34 7.90 -6.85
N ILE A 187 19.35 3.38 -3.03
CA ILE A 187 18.19 2.53 -2.79
C ILE A 187 17.06 3.31 -2.12
N LEU A 188 15.87 3.19 -2.69
CA LEU A 188 14.65 3.76 -2.10
C LEU A 188 13.82 2.65 -1.46
N VAL A 189 13.33 2.93 -0.25
CA VAL A 189 12.56 2.00 0.57
C VAL A 189 11.28 2.69 1.06
N ASN A 190 10.12 2.15 0.67
CA ASN A 190 8.85 2.64 1.18
C ASN A 190 8.18 1.70 2.21
N VAL A 191 7.73 2.29 3.31
CA VAL A 191 7.03 1.61 4.36
C VAL A 191 5.67 2.27 4.55
N PHE A 192 4.61 1.47 4.58
CA PHE A 192 3.29 2.04 4.83
C PHE A 192 2.61 1.30 5.95
N TYR A 193 2.55 1.96 7.10
CA TYR A 193 2.04 1.33 8.31
C TYR A 193 0.66 1.88 8.65
N PHE A 194 -0.31 0.98 8.64
CA PHE A 194 -1.66 1.27 9.06
C PHE A 194 -1.95 0.53 10.38
N ARG A 195 -2.59 1.21 11.32
CA ARG A 195 -2.93 0.59 12.59
C ARG A 195 -4.17 1.22 13.24
N ASP A 196 -5.16 0.38 13.52
CA ASP A 196 -6.33 0.78 14.28
C ASP A 196 -7.12 -0.42 14.82
N PHE A 197 -7.87 -0.18 15.89
CA PHE A 197 -8.84 -1.13 16.43
C PHE A 197 -10.07 -1.17 15.52
N TRP A 198 -10.76 -2.31 15.53
CA TRP A 198 -12.10 -2.40 14.95
C TRP A 198 -13.00 -1.47 15.70
N GLN A 199 -13.92 -0.86 14.97
CA GLN A 199 -15.03 -0.18 15.60
C GLN A 199 -15.81 -1.19 16.49
N SER A 200 -15.98 -2.41 15.98
CA SER A 200 -16.57 -3.53 16.75
C SER A 200 -15.72 -4.83 16.70
N PRO A 201 -14.89 -5.05 17.72
CA PRO A 201 -13.89 -6.12 17.73
C PRO A 201 -14.51 -7.48 17.90
N PHE A 202 -13.80 -8.51 17.48
CA PHE A 202 -14.25 -9.89 17.61
C PHE A 202 -13.96 -10.29 19.03
N GLU A 203 -14.80 -11.15 19.60
CA GLU A 203 -14.53 -11.76 20.90
C GLU A 203 -13.72 -13.01 20.64
N PRO A 204 -12.51 -13.10 21.21
CA PRO A 204 -11.56 -14.21 21.05
C PRO A 204 -12.14 -15.58 21.43
N HIS A 205 -12.98 -15.62 22.46
CA HIS A 205 -13.64 -16.87 22.85
C HIS A 205 -14.43 -17.46 21.71
N TYR A 206 -14.76 -16.62 20.72
CA TYR A 206 -15.50 -17.13 19.58
C TYR A 206 -14.58 -17.48 18.43
N THR A 207 -13.29 -17.39 18.68
CA THR A 207 -12.34 -17.73 17.65
C THR A 207 -12.08 -19.24 17.77
N ARG A 208 -12.11 -19.95 16.64
CA ARG A 208 -11.93 -21.39 16.67
C ARG A 208 -11.26 -21.92 15.38
N LYS A 209 -10.70 -23.12 15.44
CA LYS A 209 -10.06 -23.74 14.29
C LYS A 209 -11.08 -24.13 13.24
N GLU A 210 -10.80 -23.83 11.99
CA GLU A 210 -11.74 -24.14 10.93
C GLU A 210 -10.98 -24.37 9.63
N ASP A 211 -11.53 -25.18 8.73
CA ASP A 211 -10.90 -25.42 7.44
C ASP A 211 -10.93 -24.23 6.50
N PHE A 212 -9.82 -24.01 5.80
CA PHE A 212 -9.78 -22.98 4.76
C PHE A 212 -9.41 -23.65 3.44
N TYR A 213 -10.26 -23.46 2.44
CA TYR A 213 -10.02 -24.07 1.14
C TYR A 213 -9.12 -23.19 0.31
N ILE A 214 -7.93 -23.68 0.01
CA ILE A 214 -6.98 -22.99 -0.88
C ILE A 214 -7.17 -23.41 -2.35
N SER A 215 -7.21 -24.71 -2.60
CA SER A 215 -7.45 -25.28 -3.91
C SER A 215 -7.85 -26.75 -3.71
N PRO A 216 -8.23 -27.46 -4.80
CA PRO A 216 -8.67 -28.84 -4.66
C PRO A 216 -7.70 -29.72 -3.92
N ASP A 217 -6.42 -29.48 -4.13
CA ASP A 217 -5.41 -30.32 -3.49
C ASP A 217 -4.91 -29.73 -2.17
N ARG A 218 -5.51 -28.63 -1.72
CA ARG A 218 -5.00 -27.92 -0.55
C ARG A 218 -6.08 -27.35 0.39
N GLN A 219 -6.14 -27.86 1.60
CA GLN A 219 -6.91 -27.22 2.66
C GLN A 219 -6.02 -26.97 3.84
N ILE A 220 -6.26 -25.90 4.57
CA ILE A 220 -5.53 -25.72 5.81
C ILE A 220 -6.49 -25.39 6.95
N THR A 221 -5.93 -25.41 8.12
CA THR A 221 -6.66 -25.08 9.32
C THR A 221 -6.20 -23.68 9.70
N VAL A 222 -7.16 -22.81 9.95
CA VAL A 222 -6.90 -21.43 10.31
C VAL A 222 -7.56 -21.13 11.64
N ASP A 223 -7.11 -20.06 12.30
CA ASP A 223 -7.85 -19.55 13.43
C ASP A 223 -8.95 -18.65 12.89
N MSE A 224 -10.20 -19.09 13.02
CA MSE A 224 -11.35 -18.43 12.41
C MSE A 224 -12.08 -17.52 13.43
O MSE A 224 -12.61 -18.00 14.43
CB MSE A 224 -12.30 -19.47 11.78
CG MSE A 224 -13.42 -18.92 10.90
SE MSE A 224 -12.77 -18.22 9.11
CE MSE A 224 -12.72 -19.96 8.13
N MSE A 225 -12.10 -16.23 13.17
CA MSE A 225 -12.83 -15.28 14.01
C MSE A 225 -14.24 -15.24 13.51
O MSE A 225 -14.52 -15.46 12.32
CB MSE A 225 -12.20 -13.89 13.94
CG MSE A 225 -10.69 -13.92 14.08
SE MSE A 225 -9.89 -12.12 14.14
CE MSE A 225 -10.43 -11.42 12.36
N THR A 226 -15.15 -15.01 14.45
CA THR A 226 -16.56 -15.10 14.12
C THR A 226 -17.29 -13.97 14.84
N GLN A 227 -18.32 -13.45 14.22
CA GLN A 227 -19.15 -12.44 14.83
C GLN A 227 -20.47 -12.25 14.06
N GLU A 228 -21.51 -11.87 14.80
CA GLU A 228 -22.74 -11.51 14.13
C GLU A 228 -22.94 -10.05 14.42
N GLY A 229 -23.33 -9.30 13.41
CA GLY A 229 -23.28 -7.86 13.53
C GLY A 229 -23.92 -7.12 12.37
N VAL A 230 -24.03 -5.81 12.57
CA VAL A 230 -24.58 -4.98 11.54
C VAL A 230 -23.39 -4.51 10.73
N MSE A 231 -23.49 -4.63 9.42
CA MSE A 231 -22.45 -4.05 8.58
C MSE A 231 -22.96 -3.85 7.17
O MSE A 231 -24.02 -4.34 6.80
CB MSE A 231 -21.13 -4.84 8.63
CG MSE A 231 -21.21 -6.32 8.28
SE MSE A 231 -19.58 -7.40 8.82
CE MSE A 231 -20.22 -8.15 10.55
N LYS A 232 -22.19 -3.09 6.40
CA LYS A 232 -22.53 -2.84 5.00
C LYS A 232 -22.19 -4.06 4.15
N TYR A 233 -23.10 -4.42 3.27
CA TYR A 233 -22.99 -5.67 2.57
C TYR A 233 -23.66 -5.56 1.22
N GLY A 234 -23.18 -6.32 0.26
CA GLY A 234 -23.81 -6.34 -1.04
C GLY A 234 -23.42 -7.61 -1.77
N LYS A 235 -24.34 -8.13 -2.58
CA LYS A 235 -24.09 -9.29 -3.44
C LYS A 235 -24.11 -8.90 -4.90
N PHE A 236 -23.06 -9.26 -5.63
CA PHE A 236 -22.94 -8.84 -7.01
C PHE A 236 -22.87 -10.08 -7.88
N GLU A 237 -24.05 -10.61 -8.18
CA GLU A 237 -24.21 -11.91 -8.83
C GLU A 237 -23.53 -11.97 -10.19
N ASP A 238 -23.68 -10.89 -10.94
CA ASP A 238 -23.11 -10.79 -12.27
C ASP A 238 -21.58 -10.76 -12.28
N GLU A 239 -20.96 -10.12 -11.30
CA GLU A 239 -19.51 -10.16 -11.20
C GLU A 239 -19.03 -11.37 -10.41
N GLY A 240 -19.97 -12.13 -9.87
CA GLY A 240 -19.62 -13.32 -9.11
C GLY A 240 -19.00 -13.14 -7.74
N PHE A 241 -19.30 -12.03 -7.05
CA PHE A 241 -18.83 -11.86 -5.67
C PHE A 241 -19.80 -11.13 -4.72
N GLU A 242 -19.45 -11.10 -3.45
CA GLU A 242 -20.22 -10.35 -2.46
C GLU A 242 -19.21 -9.60 -1.61
N ILE A 243 -19.65 -8.53 -0.96
CA ILE A 243 -18.74 -7.65 -0.26
C ILE A 243 -19.31 -7.23 1.09
N VAL A 244 -18.46 -7.17 2.12
CA VAL A 244 -18.79 -6.52 3.37
C VAL A 244 -17.78 -5.46 3.63
N SER A 245 -18.20 -4.44 4.38
CA SER A 245 -17.32 -3.37 4.83
C SER A 245 -17.33 -3.34 6.34
N LYS A 246 -16.19 -3.52 6.96
CA LYS A 246 -16.14 -3.57 8.41
C LYS A 246 -15.30 -2.40 8.87
N PRO A 247 -15.96 -1.41 9.48
CA PRO A 247 -15.28 -0.16 9.83
C PRO A 247 -14.22 -0.30 10.92
N LEU A 248 -13.18 0.51 10.78
CA LEU A 248 -12.19 0.64 11.83
C LEU A 248 -12.68 1.70 12.81
N ASN A 249 -11.95 1.86 13.89
CA ASN A 249 -12.48 2.69 14.95
C ASN A 249 -12.49 4.15 14.54
N ASN A 250 -11.44 4.59 13.87
CA ASN A 250 -11.53 5.80 13.11
C ASN A 250 -12.30 5.43 11.82
N THR A 251 -13.55 5.85 11.73
CA THR A 251 -14.42 5.28 10.73
C THR A 251 -14.26 5.83 9.33
N ARG A 252 -13.28 6.71 9.14
CA ARG A 252 -12.88 7.10 7.79
C ARG A 252 -12.32 5.86 7.02
N PHE A 253 -11.71 4.95 7.76
CA PHE A 253 -11.14 3.76 7.19
C PHE A 253 -12.02 2.54 7.48
N THR A 254 -12.15 1.68 6.48
CA THR A 254 -12.91 0.43 6.61
C THR A 254 -12.20 -0.72 5.94
N PHE A 255 -12.41 -1.93 6.45
CA PHE A 255 -11.82 -3.12 5.87
C PHE A 255 -12.83 -3.76 4.96
N VAL A 256 -12.55 -3.78 3.65
CA VAL A 256 -13.46 -4.29 2.66
C VAL A 256 -13.02 -5.69 2.23
N ILE A 257 -13.91 -6.68 2.37
CA ILE A 257 -13.64 -8.05 1.93
C ILE A 257 -14.45 -8.35 0.71
N VAL A 258 -13.78 -8.89 -0.30
CA VAL A 258 -14.45 -9.26 -1.53
C VAL A 258 -14.40 -10.78 -1.67
N LEU A 259 -15.55 -11.42 -1.53
CA LEU A 259 -15.62 -12.87 -1.44
C LEU A 259 -16.33 -13.43 -2.66
N PRO A 260 -15.60 -14.21 -3.47
CA PRO A 260 -16.22 -14.88 -4.62
C PRO A 260 -17.38 -15.77 -4.17
N LEU A 261 -18.41 -15.80 -5.00
CA LEU A 261 -19.59 -16.61 -4.69
C LEU A 261 -19.34 -18.13 -4.63
N GLU A 262 -18.30 -18.63 -5.27
CA GLU A 262 -18.00 -20.03 -5.08
C GLU A 262 -16.54 -20.16 -4.69
N LYS A 263 -16.08 -21.38 -4.44
CA LYS A 263 -14.77 -21.51 -3.85
C LYS A 263 -13.66 -21.70 -4.87
N TRP A 264 -14.01 -21.94 -6.12
CA TRP A 264 -12.97 -22.39 -7.06
C TRP A 264 -12.27 -21.26 -7.82
N SER A 265 -12.94 -20.12 -7.96
CA SER A 265 -12.49 -19.00 -8.80
C SER A 265 -12.60 -17.62 -8.12
N LEU A 266 -11.68 -16.73 -8.41
CA LEU A 266 -11.75 -15.37 -7.90
C LEU A 266 -12.84 -14.56 -8.63
N ASN A 267 -13.25 -14.99 -9.81
CA ASN A 267 -14.31 -14.28 -10.55
C ASN A 267 -13.92 -12.81 -10.80
N GLY A 268 -14.89 -11.89 -10.73
CA GLY A 268 -14.63 -10.47 -10.99
C GLY A 268 -13.82 -9.79 -9.90
N ALA A 269 -13.49 -10.53 -8.85
CA ALA A 269 -12.81 -9.96 -7.71
C ALA A 269 -11.44 -9.44 -8.11
N THR A 270 -10.89 -10.01 -9.18
CA THR A 270 -9.57 -9.60 -9.68
C THR A 270 -9.63 -8.24 -10.35
N GLU A 271 -10.73 -7.93 -11.02
CA GLU A 271 -10.95 -6.62 -11.56
C GLU A 271 -11.03 -5.44 -10.52
N LEU A 272 -11.41 -5.73 -9.27
CA LEU A 272 -11.32 -4.72 -8.23
C LEU A 272 -9.90 -4.58 -7.70
N LEU A 273 -9.17 -5.70 -7.62
CA LEU A 273 -7.77 -5.66 -7.21
C LEU A 273 -6.90 -4.92 -8.25
N ASN A 274 -7.12 -5.18 -9.54
CA ASN A 274 -6.30 -4.54 -10.55
C ASN A 274 -6.80 -3.13 -10.93
N GLY A 275 -7.96 -2.73 -10.39
CA GLY A 275 -8.50 -1.41 -10.63
C GLY A 275 -9.34 -1.21 -11.90
N ASN A 276 -9.51 -2.25 -12.71
CA ASN A 276 -10.38 -2.15 -13.87
C ASN A 276 -11.82 -1.88 -13.46
N LYS A 277 -12.19 -2.36 -12.28
CA LYS A 277 -13.47 -2.03 -11.70
C LYS A 277 -13.19 -1.08 -10.55
N VAL A 278 -14.06 -0.09 -10.37
CA VAL A 278 -13.81 1.00 -9.42
C VAL A 278 -14.43 0.71 -8.07
N LEU A 279 -13.57 0.48 -7.07
CA LEU A 279 -14.00 0.01 -5.76
C LEU A 279 -15.08 0.89 -5.13
N SER A 280 -14.86 2.20 -5.19
CA SER A 280 -15.78 3.17 -4.59
C SER A 280 -17.21 3.03 -5.12
N GLU A 281 -17.35 2.68 -6.40
CA GLU A 281 -18.66 2.43 -7.00
C GLU A 281 -19.37 1.24 -6.37
N TYR A 282 -18.59 0.25 -5.91
CA TYR A 282 -19.14 -0.91 -5.21
C TYR A 282 -19.41 -0.56 -3.78
N VAL A 283 -18.47 0.12 -3.13
CA VAL A 283 -18.65 0.46 -1.74
C VAL A 283 -19.88 1.37 -1.53
N LYS A 284 -20.14 2.27 -2.49
CA LYS A 284 -21.30 3.15 -2.42
C LYS A 284 -22.62 2.37 -2.44
N ASN A 285 -22.64 1.19 -3.04
CA ASN A 285 -23.89 0.42 -3.14
C ASN A 285 -24.15 -0.65 -2.08
N LEU A 286 -23.32 -0.71 -1.06
CA LEU A 286 -23.57 -1.68 0.00
C LEU A 286 -24.71 -1.18 0.94
N LYS A 287 -25.49 -2.09 1.52
CA LYS A 287 -26.53 -1.72 2.49
C LYS A 287 -26.29 -2.35 3.86
N GLU A 288 -26.72 -1.66 4.91
CA GLU A 288 -26.70 -2.19 6.28
C GLU A 288 -27.46 -3.49 6.35
N THR A 289 -26.88 -4.45 7.04
CA THR A 289 -27.41 -5.80 7.04
C THR A 289 -26.86 -6.48 8.28
N THR A 290 -27.58 -7.50 8.72
CA THR A 290 -27.07 -8.32 9.80
C THR A 290 -26.32 -9.47 9.17
N VAL A 291 -25.09 -9.65 9.61
CA VAL A 291 -24.20 -10.60 8.98
C VAL A 291 -23.57 -11.52 9.99
N SER A 292 -23.62 -12.80 9.66
CA SER A 292 -22.77 -13.79 10.33
C SER A 292 -21.43 -13.79 9.58
N LEU A 293 -20.40 -13.25 10.22
CA LEU A 293 -19.12 -13.06 9.59
C LEU A 293 -18.09 -14.04 10.16
N ARG A 294 -17.44 -14.80 9.29
CA ARG A 294 -16.27 -15.54 9.75
C ARG A 294 -15.08 -15.14 8.94
N LEU A 295 -13.98 -14.94 9.63
CA LEU A 295 -12.84 -14.29 9.04
C LEU A 295 -11.60 -14.87 9.71
N PRO A 296 -10.67 -15.40 8.90
CA PRO A 296 -9.38 -15.86 9.43
C PRO A 296 -8.55 -14.74 10.10
N LYS A 297 -7.86 -15.07 11.18
CA LYS A 297 -6.84 -14.17 11.66
C LYS A 297 -5.55 -14.53 10.92
N PHE A 298 -4.83 -13.52 10.44
CA PHE A 298 -3.63 -13.76 9.66
C PHE A 298 -2.72 -12.55 9.67
N THR A 299 -1.49 -12.80 9.25
CA THR A 299 -0.64 -11.68 8.94
C THR A 299 0.19 -11.93 7.70
N LEU A 300 0.04 -11.04 6.72
CA LEU A 300 0.93 -11.04 5.54
C LEU A 300 2.04 -10.05 5.67
N LYS A 301 3.23 -10.51 5.32
CA LYS A 301 4.39 -9.66 5.08
C LYS A 301 4.85 -9.79 3.64
N ASN A 302 5.41 -8.72 3.08
CA ASN A 302 6.01 -8.86 1.78
C ASN A 302 6.93 -7.71 1.43
N THR A 303 7.76 -7.95 0.44
CA THR A 303 8.73 -6.99 -0.07
C THR A 303 8.57 -6.94 -1.57
N LEU A 304 8.19 -5.80 -2.11
CA LEU A 304 8.05 -5.67 -3.55
C LEU A 304 9.25 -4.92 -4.13
N ASP A 305 9.75 -5.44 -5.25
CA ASP A 305 10.68 -4.73 -6.13
C ASP A 305 9.81 -4.03 -7.14
N LEU A 306 9.75 -2.71 -7.07
CA LEU A 306 8.87 -1.96 -7.97
C LEU A 306 9.53 -1.46 -9.25
N VAL A 307 10.84 -1.67 -9.37
CA VAL A 307 11.54 -1.11 -10.54
C VAL A 307 10.93 -1.53 -11.89
N PRO A 308 10.68 -2.87 -12.11
CA PRO A 308 10.10 -3.33 -13.37
C PRO A 308 8.71 -2.76 -13.67
N THR A 309 7.83 -2.77 -12.67
CA THR A 309 6.50 -2.18 -12.83
C THR A 309 6.57 -0.70 -13.16
N LEU A 310 7.42 0.02 -12.43
CA LEU A 310 7.65 1.46 -12.68
C LEU A 310 8.24 1.75 -14.07
N LYS A 311 9.17 0.91 -14.52
CA LYS A 311 9.66 1.02 -15.88
C LYS A 311 8.51 0.86 -16.83
N SER A 312 7.78 -0.23 -16.62
CA SER A 312 6.60 -0.52 -17.44
C SER A 312 5.56 0.60 -17.52
N ILE A 313 5.41 1.42 -16.48
CA ILE A 313 4.42 2.49 -16.54
C ILE A 313 5.00 3.85 -16.87
N GLY A 314 6.27 3.88 -17.25
CA GLY A 314 6.83 5.10 -17.83
C GLY A 314 8.02 5.73 -17.12
N VAL A 315 8.42 5.17 -15.99
CA VAL A 315 9.54 5.73 -15.23
C VAL A 315 10.81 4.92 -15.48
N VAL A 316 11.64 5.44 -16.39
CA VAL A 316 12.74 4.71 -16.97
C VAL A 316 14.10 5.32 -16.65
N ASP A 317 14.29 6.60 -16.99
CA ASP A 317 15.61 7.23 -16.82
C ASP A 317 16.13 7.16 -15.41
N LEU A 318 15.22 7.23 -14.42
CA LEU A 318 15.60 7.15 -13.01
C LEU A 318 16.48 5.92 -12.73
N PHE A 319 16.27 4.84 -13.49
CA PHE A 319 16.84 3.54 -13.15
C PHE A 319 18.04 3.18 -13.99
N ASP A 320 18.56 4.16 -14.71
CA ASP A 320 19.57 3.93 -15.73
C ASP A 320 20.76 4.88 -15.56
N PRO A 321 21.94 4.31 -15.31
CA PRO A 321 23.22 5.00 -15.15
C PRO A 321 23.50 6.06 -16.22
N VAL A 322 23.11 5.80 -17.46
CA VAL A 322 23.41 6.74 -18.54
C VAL A 322 22.44 7.92 -18.57
N LYS A 323 21.15 7.60 -18.56
CA LYS A 323 20.11 8.58 -18.78
C LYS A 323 19.75 9.37 -17.49
N SER A 324 20.05 8.81 -16.33
CA SER A 324 19.62 9.38 -15.06
C SER A 324 20.05 10.81 -14.84
N ASP A 325 19.09 11.69 -14.58
CA ASP A 325 19.37 13.09 -14.24
C ASP A 325 18.89 13.42 -12.80
N LEU A 326 19.76 13.15 -11.82
CA LEU A 326 19.53 13.53 -10.42
C LEU A 326 20.47 14.68 -10.00
N SER A 327 20.58 15.66 -10.89
CA SER A 327 21.52 16.74 -10.65
C SER A 327 21.03 17.62 -9.52
N GLY A 328 19.74 17.52 -9.19
CA GLY A 328 19.18 18.24 -8.06
C GLY A 328 19.61 17.64 -6.72
N ILE A 329 20.13 16.41 -6.76
CA ILE A 329 20.59 15.72 -5.56
C ILE A 329 22.11 15.76 -5.40
N THR A 330 22.83 15.59 -6.52
CA THR A 330 24.28 15.52 -6.51
C THR A 330 24.90 16.06 -7.82
N PRO A 331 26.02 16.79 -7.69
CA PRO A 331 26.78 17.17 -8.89
C PRO A 331 27.46 15.94 -9.46
N ASN A 332 27.73 14.94 -8.60
CA ASN A 332 28.37 13.71 -9.05
C ASN A 332 27.44 12.97 -10.01
N PRO A 333 27.85 12.84 -11.28
CA PRO A 333 26.94 12.19 -12.22
C PRO A 333 26.96 10.68 -11.99
N ASN A 334 26.09 9.98 -12.71
CA ASN A 334 25.95 8.54 -12.50
C ASN A 334 25.14 8.13 -11.26
N LEU A 335 24.65 9.08 -10.46
CA LEU A 335 23.68 8.73 -9.45
C LEU A 335 22.40 8.27 -10.13
N TYR A 336 21.99 7.04 -9.83
CA TYR A 336 20.69 6.56 -10.27
C TYR A 336 20.15 5.60 -9.24
N VAL A 337 18.89 5.21 -9.38
CA VAL A 337 18.27 4.35 -8.39
C VAL A 337 18.50 2.88 -8.74
N ASN A 338 19.15 2.13 -7.84
CA ASN A 338 19.37 0.71 -8.09
C ASN A 338 18.12 -0.10 -7.75
N GLU A 339 17.54 0.15 -6.57
CA GLU A 339 16.37 -0.60 -6.10
C GLU A 339 15.30 0.32 -5.51
N PHE A 340 14.05 -0.05 -5.73
CA PHE A 340 12.93 0.71 -5.28
C PHE A 340 12.01 -0.38 -4.70
N ILE A 341 11.95 -0.41 -3.38
CA ILE A 341 11.40 -1.53 -2.66
C ILE A 341 10.32 -1.06 -1.73
N GLN A 342 9.16 -1.72 -1.79
CA GLN A 342 8.10 -1.53 -0.80
C GLN A 342 7.97 -2.77 0.12
N THR A 343 7.99 -2.54 1.41
CA THR A 343 7.86 -3.62 2.35
C THR A 343 6.60 -3.36 3.18
N ASN A 344 5.71 -4.36 3.18
CA ASN A 344 4.35 -4.22 3.76
C ASN A 344 4.05 -5.28 4.82
N VAL A 345 3.17 -4.93 5.76
CA VAL A 345 2.62 -5.91 6.70
C VAL A 345 1.11 -5.70 6.86
N LEU A 346 0.36 -6.79 6.79
CA LEU A 346 -1.07 -6.81 7.07
C LEU A 346 -1.31 -7.84 8.16
N LYS A 347 -1.51 -7.37 9.38
CA LYS A 347 -1.82 -8.24 10.52
C LYS A 347 -3.27 -8.06 11.00
N LEU A 348 -4.09 -9.09 10.84
CA LEU A 348 -5.48 -9.02 11.28
C LEU A 348 -5.70 -9.93 12.49
N ASN A 349 -6.36 -9.42 13.52
CA ASN A 349 -6.70 -10.22 14.68
C ASN A 349 -8.01 -9.67 15.24
N GLU A 350 -8.40 -10.15 16.44
CA GLU A 350 -9.66 -9.78 17.07
C GLU A 350 -9.76 -8.32 17.48
N SER A 351 -8.62 -7.71 17.78
CA SER A 351 -8.56 -6.31 18.19
C SER A 351 -8.64 -5.36 17.01
N GLY A 352 -8.01 -5.71 15.90
CA GLY A 352 -8.04 -4.84 14.73
C GLY A 352 -6.98 -5.19 13.73
N ILE A 353 -6.39 -4.15 13.11
CA ILE A 353 -5.36 -4.29 12.09
C ILE A 353 -4.08 -3.73 12.66
N GLU A 354 -2.99 -4.49 12.55
CA GLU A 354 -1.74 -4.17 13.26
C GLU A 354 -2.00 -3.75 14.70
N ALA A 355 -3.03 -4.31 15.31
CA ALA A 355 -3.41 -3.97 16.68
C ALA A 355 -2.86 -4.95 17.70
N THR A 356 -3.06 -4.64 18.99
CA THR A 356 -2.64 -5.53 20.08
C THR A 356 -3.61 -5.35 21.27
N THR A 357 -3.95 -6.44 21.95
CA THR A 357 -4.71 -6.38 23.22
C THR A 357 -4.69 -7.73 23.94
N PRO A 365 -21.08 -12.37 25.12
CA PRO A 365 -22.21 -13.28 24.91
C PRO A 365 -22.48 -13.49 23.43
N PHE A 366 -23.02 -14.65 23.06
CA PHE A 366 -23.51 -14.86 21.69
C PHE A 366 -24.61 -13.85 21.38
N SER A 367 -24.70 -13.47 20.11
CA SER A 367 -25.70 -12.49 19.71
C SER A 367 -27.08 -13.09 19.71
N ALA A 368 -28.05 -12.33 20.23
CA ALA A 368 -29.44 -12.72 20.15
C ALA A 368 -29.89 -12.63 18.68
N ILE A 369 -29.06 -12.02 17.86
CA ILE A 369 -29.38 -11.79 16.45
C ILE A 369 -29.42 -13.06 15.60
N ILE A 370 -30.35 -13.07 14.65
CA ILE A 370 -30.37 -14.08 13.61
C ILE A 370 -30.06 -13.42 12.25
N PRO A 371 -28.80 -13.49 11.81
CA PRO A 371 -28.37 -12.67 10.67
C PRO A 371 -29.07 -13.03 9.36
N GLU A 372 -29.35 -12.03 8.53
CA GLU A 372 -29.93 -12.31 7.19
C GLU A 372 -28.92 -12.94 6.21
N VAL A 373 -27.62 -12.74 6.44
CA VAL A 373 -26.59 -13.13 5.48
C VAL A 373 -25.42 -13.88 6.12
N ASP A 374 -24.96 -14.95 5.47
CA ASP A 374 -23.69 -15.56 5.92
C ASP A 374 -22.56 -14.98 5.11
N PHE A 375 -21.48 -14.63 5.77
CA PHE A 375 -20.29 -14.17 5.04
C PHE A 375 -19.13 -14.90 5.66
N HIS A 376 -18.85 -16.09 5.12
CA HIS A 376 -17.88 -16.99 5.74
C HIS A 376 -16.62 -17.10 4.87
N VAL A 377 -15.52 -16.53 5.36
CA VAL A 377 -14.34 -16.34 4.52
C VAL A 377 -13.53 -17.63 4.61
N THR A 378 -13.89 -18.61 3.79
CA THR A 378 -13.34 -19.96 3.89
C THR A 378 -12.51 -20.39 2.67
N HIS A 379 -12.31 -19.46 1.74
CA HIS A 379 -11.57 -19.70 0.51
C HIS A 379 -10.93 -18.35 0.09
N PRO A 380 -10.03 -18.34 -0.91
CA PRO A 380 -9.28 -17.11 -1.25
C PRO A 380 -10.12 -15.87 -1.54
N PHE A 381 -9.65 -14.73 -1.06
CA PHE A 381 -10.46 -13.53 -1.12
C PHE A 381 -9.58 -12.31 -1.37
N ILE A 382 -10.22 -11.24 -1.82
CA ILE A 382 -9.53 -9.97 -2.00
C ILE A 382 -10.01 -8.98 -0.93
N CYS A 383 -9.09 -8.25 -0.36
CA CYS A 383 -9.48 -7.29 0.65
C CYS A 383 -8.74 -5.95 0.52
N PHE A 384 -9.30 -4.91 1.13
CA PHE A 384 -8.75 -3.57 1.04
C PHE A 384 -8.86 -2.86 2.36
N ILE A 385 -7.91 -1.99 2.67
CA ILE A 385 -8.23 -0.93 3.62
C ILE A 385 -8.71 0.22 2.75
N TYR A 386 -9.97 0.59 2.90
CA TYR A 386 -10.58 1.56 1.99
C TYR A 386 -10.68 2.90 2.72
N ASP A 387 -10.33 3.98 2.01
CA ASP A 387 -10.39 5.34 2.56
C ASP A 387 -11.64 6.07 2.11
N GLN A 388 -12.51 6.43 3.07
CA GLN A 388 -13.86 6.89 2.71
C GLN A 388 -13.88 8.34 2.31
N GLN A 389 -12.80 9.02 2.62
CA GLN A 389 -12.67 10.39 2.20
C GLN A 389 -12.04 10.48 0.80
N LEU A 390 -10.89 9.83 0.62
CA LEU A 390 -10.28 9.75 -0.69
C LEU A 390 -11.06 8.87 -1.65
N THR A 391 -12.05 8.14 -1.15
CA THR A 391 -12.77 7.10 -1.91
C THR A 391 -11.86 6.19 -2.75
N MSE A 392 -10.83 5.64 -2.11
CA MSE A 392 -9.96 4.73 -2.80
C MSE A 392 -9.31 3.81 -1.80
O MSE A 392 -9.28 4.08 -0.61
CB MSE A 392 -8.89 5.50 -3.57
CG MSE A 392 -7.82 6.07 -2.65
SE MSE A 392 -6.58 7.33 -3.54
CE MSE A 392 -6.06 6.21 -5.08
N PRO A 393 -8.78 2.69 -2.27
CA PRO A 393 -8.06 1.85 -1.31
C PRO A 393 -6.65 2.38 -1.09
N ILE A 394 -6.25 2.38 0.16
CA ILE A 394 -4.88 2.70 0.45
C ILE A 394 -4.03 1.45 0.66
N MSE A 395 -4.70 0.30 0.76
CA MSE A 395 -4.01 -0.98 0.83
C MSE A 395 -4.89 -1.95 0.02
O MSE A 395 -6.12 -1.97 0.17
CB MSE A 395 -3.82 -1.37 2.30
CG MSE A 395 -3.06 -2.67 2.58
SE MSE A 395 -3.94 -4.39 2.25
CE MSE A 395 -5.63 -4.43 3.24
N ALA A 396 -4.27 -2.71 -0.86
CA ALA A 396 -4.91 -3.72 -1.69
C ALA A 396 -4.18 -5.06 -1.48
N ALA A 397 -4.95 -6.13 -1.34
CA ALA A 397 -4.42 -7.41 -0.97
C ALA A 397 -5.23 -8.54 -1.58
N LYS A 398 -4.52 -9.59 -1.96
CA LYS A 398 -5.17 -10.84 -2.27
C LYS A 398 -4.66 -11.91 -1.28
N VAL A 399 -5.59 -12.58 -0.61
CA VAL A 399 -5.24 -13.61 0.35
C VAL A 399 -5.66 -14.99 -0.12
N MSE A 400 -4.68 -15.75 -0.57
CA MSE A 400 -4.93 -17.12 -1.05
C MSE A 400 -4.62 -18.15 0.02
O MSE A 400 -5.25 -19.20 0.10
CB MSE A 400 -4.05 -17.40 -2.26
CG MSE A 400 -4.68 -16.98 -3.56
SE MSE A 400 -3.54 -17.45 -5.07
CE MSE A 400 -4.74 -16.78 -6.46
N ASN A 401 -3.62 -17.84 0.82
CA ASN A 401 -3.10 -18.73 1.80
C ASN A 401 -2.83 -17.94 3.06
N PRO A 402 -3.82 -17.91 3.97
CA PRO A 402 -3.64 -17.19 5.24
C PRO A 402 -2.63 -17.94 6.11
N VAL A 403 -1.69 -17.22 6.68
CA VAL A 403 -0.66 -17.86 7.52
C VAL A 403 0.02 -16.78 8.34
#